data_8QO5
#
_entry.id   8QO5
#
_cell.length_a   1.00
_cell.length_b   1.00
_cell.length_c   1.00
_cell.angle_alpha   90.00
_cell.angle_beta   90.00
_cell.angle_gamma   90.00
#
_symmetry.space_group_name_H-M   'P 1'
#
_entity_poly.entity_id   1
_entity_poly.type   'polyribonucleotide'
_entity_poly.pdbx_seq_one_letter_code
;UCGUUGACAGGACACGAGUAACUCGUCUAUCUUCUGCAGGCUGCUUACGGUUUCGUCCGUGUUGCAGCCGAUCAUCAGCA
CAUCUAGGUUUCGUCCGGGUGUGACCGAAAGGUAAGAUGGAGAGCCUUGUCCCUGGUUUCAACGA
;
_entity_poly.pdbx_strand_id   A
#
loop_
_chem_comp.id
_chem_comp.type
_chem_comp.name
_chem_comp.formula
A RNA linking ADENOSINE-5'-MONOPHOSPHATE 'C10 H14 N5 O7 P'
C RNA linking CYTIDINE-5'-MONOPHOSPHATE 'C9 H14 N3 O8 P'
G RNA linking GUANOSINE-5'-MONOPHOSPHATE 'C10 H14 N5 O8 P'
U RNA linking URIDINE-5'-MONOPHOSPHATE 'C9 H13 N2 O9 P'
#